data_3O1P
#
_entry.id   3O1P
#
_cell.length_a   41.400
_cell.length_b   75.930
_cell.length_c   51.440
_cell.angle_alpha   90.00
_cell.angle_beta   107.94
_cell.angle_gamma   90.00
#
_symmetry.space_group_name_H-M   'P 1 21 1'
#
loop_
_entity.id
_entity.type
_entity.pdbx_description
1 polymer 'Alpha-ketoglutarate-dependent dioxygenase AlkB'
2 polymer "DNA (5'-D(*T*AP*GP*GP*TP*AP*AP*(EDA)P*AP*CP*CP*GP*T)-3')"
3 polymer "DNA (5'-D(*AP*AP*CP*GP*GP*TP*AP*TP*TP*AP*CP*CP*T)-3')"
4 non-polymer 'MANGANESE (II) ION'
5 non-polymer '2-OXOGLUTARIC ACID'
6 non-polymer GLYCEROL
7 water water
#
loop_
_entity_poly.entity_id
_entity_poly.type
_entity_poly.pdbx_seq_one_letter_code
_entity_poly.pdbx_strand_id
1 'polypeptide(L)'
;MQEPLAAGAVILRRFAFNAAEQLIRDINDVASQSPFRQMVTPGGYTMSVAMTNCGHLGWTTHRQGYLYSPIDPQTNKPWP
AMPQSFHNLCQRAATAAGYPDFQPDACLINRYAPGAKLCLHQDKDEPDLRAPIVSVSLGLPAIFQFGGLKRNDPLKRLLL
EHGDVVVWGGESRLFYHGIQPLKAGFHPLTIDCRYNLTFRQAGKKE
;
A
2 'polydeoxyribonucleotide' (DT)(DA)(DG)(DG)(DT)(DA)(DA)(EDA)(DA)(2YR)(DC)(DG)(DT) B
3 'polydeoxyribonucleotide' (DA)(DA)(DC)(DG)(DG)(DT)(DA)(DT)(DT)(DA)(DC)(DC)(DT) C
#
# COMPACT_ATOMS: atom_id res chain seq x y z
N GLU A 3 -5.52 23.03 -3.34
CA GLU A 3 -6.07 22.39 -2.11
C GLU A 3 -5.34 21.10 -1.81
N PRO A 4 -4.74 21.00 -0.60
CA PRO A 4 -4.07 19.78 -0.15
C PRO A 4 -5.08 18.66 0.17
N LEU A 5 -4.61 17.42 0.15
CA LEU A 5 -5.50 16.26 0.32
C LEU A 5 -6.32 16.32 1.60
N ALA A 6 -5.64 16.47 2.73
CA ALA A 6 -6.27 16.60 4.03
C ALA A 6 -5.23 17.09 5.01
N ALA A 7 -5.61 17.39 6.24
CA ALA A 7 -4.66 17.75 7.27
C ALA A 7 -3.64 16.62 7.46
N GLY A 8 -2.37 16.91 7.18
CA GLY A 8 -1.31 15.92 7.30
C GLY A 8 -1.22 14.97 6.12
N ALA A 9 -2.00 15.22 5.06
CA ALA A 9 -2.00 14.35 3.89
C ALA A 9 -1.68 15.10 2.60
N VAL A 10 -0.96 14.44 1.70
CA VAL A 10 -0.61 15.08 0.43
C VAL A 10 -0.51 14.02 -0.66
N ILE A 11 -0.78 14.43 -1.89
CA ILE A 11 -0.46 13.60 -3.05
C ILE A 11 0.71 14.20 -3.82
N LEU A 12 1.72 13.37 -4.11
CA LEU A 12 2.90 13.76 -4.86
C LEU A 12 2.79 13.10 -6.21
N ARG A 13 2.23 13.83 -7.17
CA ARG A 13 1.92 13.23 -8.45
C ARG A 13 3.16 12.89 -9.25
N ARG A 14 3.22 11.66 -9.74
CA ARG A 14 4.34 11.14 -10.52
C ARG A 14 5.68 11.13 -9.77
N PHE A 15 5.63 11.22 -8.44
CA PHE A 15 6.84 11.25 -7.64
C PHE A 15 7.75 10.05 -7.92
N ALA A 16 7.15 8.89 -8.08
CA ALA A 16 7.89 7.64 -8.27
C ALA A 16 8.00 7.23 -9.74
N PHE A 17 7.66 8.14 -10.65
CA PHE A 17 7.70 7.83 -12.08
C PHE A 17 9.07 7.34 -12.53
N ASN A 18 10.12 8.08 -12.15
CA ASN A 18 11.47 7.73 -12.58
C ASN A 18 11.98 6.43 -11.96
N ALA A 19 11.50 6.12 -10.76
CA ALA A 19 11.95 4.92 -10.05
C ALA A 19 11.16 3.68 -10.45
N ALA A 20 10.07 3.88 -11.19
CA ALA A 20 9.08 2.82 -11.39
C ALA A 20 9.62 1.51 -11.96
N GLU A 21 10.45 1.58 -12.99
CA GLU A 21 10.98 0.36 -13.61
C GLU A 21 11.75 -0.49 -12.62
N GLN A 22 12.60 0.15 -11.82
CA GLN A 22 13.37 -0.57 -10.80
C GLN A 22 12.44 -1.13 -9.72
N LEU A 23 11.46 -0.34 -9.30
CA LEU A 23 10.50 -0.78 -8.31
C LEU A 23 9.78 -2.05 -8.77
N ILE A 24 9.38 -2.08 -10.04
CA ILE A 24 8.68 -3.23 -10.57
C ILE A 24 9.57 -4.47 -10.64
N ARG A 25 10.84 -4.31 -11.03
CA ARG A 25 11.79 -5.42 -10.98
C ARG A 25 11.87 -5.99 -9.57
N ASP A 26 11.90 -5.10 -8.59
CA ASP A 26 12.02 -5.55 -7.19
C ASP A 26 10.74 -6.17 -6.64
N ILE A 27 9.59 -5.69 -7.10
CA ILE A 27 8.33 -6.38 -6.81
C ILE A 27 8.42 -7.83 -7.27
N ASN A 28 8.90 -8.03 -8.49
CA ASN A 28 9.00 -9.38 -9.05
C ASN A 28 9.95 -10.24 -8.22
N ASP A 29 11.05 -9.64 -7.77
CA ASP A 29 12.03 -10.35 -6.94
C ASP A 29 11.42 -10.75 -5.59
N VAL A 30 10.68 -9.83 -4.97
CA VAL A 30 10.02 -10.13 -3.70
C VAL A 30 9.01 -11.27 -3.88
N ALA A 31 8.23 -11.19 -4.94
CA ALA A 31 7.16 -12.17 -5.18
C ALA A 31 7.71 -13.55 -5.55
N SER A 32 8.95 -13.58 -6.04
CA SER A 32 9.57 -14.86 -6.38
C SER A 32 9.87 -15.66 -5.12
N GLN A 33 9.89 -14.97 -3.98
CA GLN A 33 10.20 -15.60 -2.69
C GLN A 33 8.94 -15.76 -1.84
N SER A 34 8.16 -14.69 -1.73
CA SER A 34 6.85 -14.73 -1.08
C SER A 34 5.80 -14.37 -2.12
N PRO A 35 5.18 -15.39 -2.73
CA PRO A 35 4.28 -15.16 -3.86
C PRO A 35 3.06 -14.33 -3.51
N PHE A 36 2.55 -13.62 -4.50
CA PHE A 36 1.24 -12.98 -4.34
C PHE A 36 0.21 -14.03 -3.99
N ARG A 37 -0.66 -13.69 -3.04
CA ARG A 37 -1.77 -14.57 -2.73
C ARG A 37 -2.98 -13.72 -2.36
N GLN A 38 -4.17 -14.22 -2.67
CA GLN A 38 -5.39 -13.54 -2.26
C GLN A 38 -5.78 -14.06 -0.89
N MET A 39 -5.73 -13.19 0.10
CA MET A 39 -6.04 -13.59 1.48
C MET A 39 -7.53 -13.77 1.73
N VAL A 40 -7.84 -14.61 2.72
CA VAL A 40 -9.21 -14.89 3.11
C VAL A 40 -9.54 -14.13 4.38
N THR A 41 -10.66 -13.41 4.37
CA THR A 41 -11.05 -12.64 5.54
C THR A 41 -11.44 -13.59 6.69
N PRO A 42 -11.47 -13.07 7.92
CA PRO A 42 -11.99 -13.87 9.01
C PRO A 42 -13.41 -14.41 8.73
N GLY A 43 -14.20 -13.64 7.99
CA GLY A 43 -15.56 -14.05 7.65
C GLY A 43 -15.63 -15.07 6.52
N GLY A 44 -14.51 -15.32 5.87
CA GLY A 44 -14.41 -16.42 4.90
C GLY A 44 -14.48 -16.02 3.43
N TYR A 45 -14.31 -14.73 3.14
CA TYR A 45 -14.34 -14.24 1.77
C TYR A 45 -12.94 -13.98 1.27
N THR A 46 -12.67 -14.40 0.04
CA THR A 46 -11.36 -14.20 -0.56
C THR A 46 -11.24 -12.78 -1.13
N MET A 47 -10.25 -12.04 -0.66
CA MET A 47 -10.04 -10.67 -1.12
C MET A 47 -9.71 -10.67 -2.61
N SER A 48 -10.14 -9.63 -3.32
CA SER A 48 -9.91 -9.56 -4.76
C SER A 48 -8.49 -9.09 -5.06
N VAL A 49 -7.91 -8.33 -4.13
CA VAL A 49 -6.54 -7.89 -4.27
C VAL A 49 -5.61 -9.03 -3.88
N ALA A 50 -4.58 -9.27 -4.68
CA ALA A 50 -3.55 -10.24 -4.31
C ALA A 50 -2.43 -9.51 -3.61
N MET A 51 -1.90 -10.12 -2.56
CA MET A 51 -0.94 -9.43 -1.68
C MET A 51 0.32 -10.23 -1.40
N THR A 52 1.41 -9.51 -1.16
CA THR A 52 2.57 -10.08 -0.48
C THR A 52 3.21 -8.97 0.35
N ASN A 53 4.31 -9.27 1.04
CA ASN A 53 4.98 -8.25 1.86
C ASN A 53 6.48 -8.37 1.78
N CYS A 54 7.15 -7.28 2.13
CA CYS A 54 8.58 -7.32 2.37
C CYS A 54 8.91 -6.45 3.58
N GLY A 55 10.14 -6.55 4.04
CA GLY A 55 10.52 -5.89 5.28
C GLY A 55 10.28 -6.80 6.49
N HIS A 56 10.43 -6.22 7.67
CA HIS A 56 10.39 -7.03 8.89
C HIS A 56 8.99 -7.55 9.22
N LEU A 57 7.95 -6.78 8.87
CA LEU A 57 6.59 -7.17 9.20
C LEU A 57 5.67 -7.12 7.97
N GLY A 58 4.86 -8.16 7.83
CA GLY A 58 3.89 -8.22 6.74
C GLY A 58 2.47 -8.29 7.25
N TRP A 59 1.57 -7.55 6.60
CA TRP A 59 0.15 -7.57 6.94
C TRP A 59 -0.49 -8.85 6.38
N THR A 60 -1.30 -9.51 7.21
CA THR A 60 -2.01 -10.72 6.79
C THR A 60 -3.36 -10.84 7.47
N THR A 61 -4.24 -11.65 6.88
CA THR A 61 -5.45 -12.04 7.57
C THR A 61 -5.19 -13.35 8.28
N HIS A 62 -6.06 -13.66 9.23
CA HIS A 62 -5.97 -14.88 10.01
C HIS A 62 -7.41 -15.26 10.27
N ARG A 63 -7.64 -16.44 10.81
CA ARG A 63 -8.98 -16.80 11.26
C ARG A 63 -9.47 -15.78 12.28
N GLN A 64 -8.55 -15.36 13.15
CA GLN A 64 -8.91 -14.55 14.32
C GLN A 64 -8.95 -13.05 14.06
N GLY A 65 -8.55 -12.61 12.86
CA GLY A 65 -8.52 -11.19 12.56
C GLY A 65 -7.41 -10.81 11.61
N TYR A 66 -6.93 -9.56 11.71
CA TYR A 66 -5.77 -9.10 10.93
C TYR A 66 -4.55 -9.07 11.84
N LEU A 67 -3.36 -9.23 11.25
CA LEU A 67 -2.15 -9.35 12.05
C LEU A 67 -0.92 -8.94 11.26
N TYR A 68 0.01 -8.24 11.90
CA TYR A 68 1.35 -8.09 11.33
C TYR A 68 2.22 -9.21 11.86
N SER A 69 2.87 -9.93 10.96
N SER A 69 2.87 -9.92 10.95
CA SER A 69 3.72 -11.03 11.38
CA SER A 69 3.71 -11.05 11.33
C SER A 69 5.07 -10.99 10.68
C SER A 69 5.09 -10.97 10.67
N PRO A 70 6.13 -11.42 11.38
CA PRO A 70 7.47 -11.46 10.78
C PRO A 70 7.63 -12.64 9.83
N ILE A 71 6.68 -13.56 9.84
CA ILE A 71 6.76 -14.78 9.03
C ILE A 71 5.61 -14.84 8.02
N ASP A 72 5.94 -15.19 6.78
CA ASP A 72 4.94 -15.44 5.75
C ASP A 72 4.24 -16.77 6.08
N PRO A 73 2.93 -16.75 6.34
CA PRO A 73 2.25 -17.99 6.74
C PRO A 73 2.14 -19.00 5.60
N GLN A 74 2.36 -18.55 4.37
CA GLN A 74 2.33 -19.47 3.23
C GLN A 74 3.65 -20.22 3.06
N THR A 75 4.76 -19.52 3.22
CA THR A 75 6.08 -20.13 3.05
C THR A 75 6.69 -20.60 4.37
N ASN A 76 6.19 -20.05 5.48
CA ASN A 76 6.77 -20.29 6.81
C ASN A 76 8.21 -19.80 6.93
N LYS A 77 8.56 -18.85 6.07
CA LYS A 77 9.85 -18.18 6.12
C LYS A 77 9.62 -16.69 6.31
N PRO A 78 10.64 -15.97 6.78
CA PRO A 78 10.51 -14.53 6.89
C PRO A 78 10.09 -13.92 5.54
N TRP A 79 9.38 -12.80 5.59
CA TRP A 79 9.13 -12.04 4.36
C TRP A 79 10.48 -11.62 3.79
N PRO A 80 10.58 -11.46 2.46
CA PRO A 80 11.83 -10.97 1.90
C PRO A 80 12.24 -9.61 2.47
N ALA A 81 13.54 -9.36 2.55
CA ALA A 81 14.03 -8.07 2.98
C ALA A 81 13.44 -6.94 2.12
N MET A 82 13.20 -5.77 2.71
CA MET A 82 12.70 -4.65 1.93
C MET A 82 13.79 -4.19 0.94
N PRO A 83 13.48 -4.19 -0.36
CA PRO A 83 14.49 -3.75 -1.34
C PRO A 83 14.98 -2.33 -1.07
N GLN A 84 16.26 -2.09 -1.32
CA GLN A 84 16.80 -0.75 -1.16
C GLN A 84 16.06 0.29 -2.01
N SER A 85 15.60 -0.11 -3.20
CA SER A 85 14.90 0.82 -4.08
C SER A 85 13.60 1.29 -3.43
N PHE A 86 12.91 0.36 -2.77
CA PHE A 86 11.69 0.66 -2.03
C PHE A 86 12.00 1.62 -0.89
N HIS A 87 13.01 1.27 -0.09
CA HIS A 87 13.29 2.04 1.11
C HIS A 87 13.71 3.46 0.75
N ASN A 88 14.52 3.61 -0.30
CA ASN A 88 15.01 4.92 -0.72
C ASN A 88 13.87 5.77 -1.24
N LEU A 89 13.03 5.18 -2.08
CA LEU A 89 11.90 5.92 -2.65
C LEU A 89 10.97 6.37 -1.54
N CYS A 90 10.69 5.47 -0.61
CA CYS A 90 9.83 5.78 0.53
C CYS A 90 10.38 6.96 1.36
N GLN A 91 11.63 6.93 1.70
N GLN A 91 11.66 6.92 1.68
CA GLN A 91 12.27 7.99 2.47
CA GLN A 91 12.29 7.96 2.47
C GLN A 91 12.18 9.37 1.75
C GLN A 91 12.17 9.33 1.77
N ARG A 92 12.45 9.35 0.47
CA ARG A 92 12.37 10.58 -0.30
C ARG A 92 10.95 11.13 -0.35
N ALA A 93 9.97 10.24 -0.55
CA ALA A 93 8.58 10.68 -0.60
C ALA A 93 8.13 11.20 0.74
N ALA A 94 8.46 10.48 1.81
CA ALA A 94 8.06 10.89 3.15
C ALA A 94 8.65 12.26 3.48
N THR A 95 9.91 12.48 3.13
CA THR A 95 10.55 13.77 3.34
C THR A 95 9.84 14.89 2.58
N ALA A 96 9.51 14.64 1.31
CA ALA A 96 8.85 15.65 0.49
C ALA A 96 7.49 15.98 1.08
N ALA A 97 6.87 14.99 1.71
CA ALA A 97 5.53 15.13 2.24
C ALA A 97 5.53 15.72 3.66
N GLY A 98 6.71 15.98 4.21
CA GLY A 98 6.80 16.61 5.52
C GLY A 98 6.94 15.63 6.67
N TYR A 99 7.34 14.40 6.36
CA TYR A 99 7.59 13.37 7.37
C TYR A 99 9.02 12.83 7.25
N PRO A 100 10.03 13.69 7.47
CA PRO A 100 11.42 13.29 7.21
C PRO A 100 11.92 12.16 8.09
N ASP A 101 11.29 11.97 9.26
CA ASP A 101 11.81 11.01 10.24
C ASP A 101 11.21 9.61 10.13
N PHE A 102 10.34 9.39 9.15
CA PHE A 102 9.64 8.13 9.00
C PHE A 102 10.60 6.97 8.75
N GLN A 103 10.46 5.90 9.53
CA GLN A 103 11.27 4.68 9.35
C GLN A 103 10.36 3.46 9.22
N PRO A 104 10.02 3.07 8.00
CA PRO A 104 9.12 1.93 7.83
C PRO A 104 9.80 0.61 8.16
N ASP A 105 9.04 -0.34 8.67
CA ASP A 105 9.56 -1.68 8.93
C ASP A 105 8.67 -2.69 8.22
N ALA A 106 7.83 -2.20 7.31
CA ALA A 106 6.80 -3.03 6.70
C ALA A 106 6.41 -2.48 5.35
N CYS A 107 6.34 -3.33 4.34
CA CYS A 107 5.81 -2.92 3.05
C CYS A 107 4.85 -3.96 2.51
N LEU A 108 3.60 -3.58 2.31
CA LEU A 108 2.58 -4.44 1.74
C LEU A 108 2.53 -4.17 0.24
N ILE A 109 2.63 -5.22 -0.57
CA ILE A 109 2.56 -5.08 -2.01
C ILE A 109 1.20 -5.61 -2.47
N ASN A 110 0.40 -4.72 -3.05
CA ASN A 110 -0.94 -5.04 -3.53
C ASN A 110 -0.94 -5.15 -5.04
N ARG A 111 -1.59 -6.19 -5.58
CA ARG A 111 -1.74 -6.32 -7.02
C ARG A 111 -3.22 -6.35 -7.35
N TYR A 112 -3.64 -5.42 -8.22
CA TYR A 112 -5.02 -5.30 -8.68
C TYR A 112 -5.16 -5.78 -10.13
N ALA A 113 -5.93 -6.84 -10.32
CA ALA A 113 -6.39 -7.23 -11.64
C ALA A 113 -7.66 -6.46 -11.94
N PRO A 114 -8.11 -6.47 -13.21
CA PRO A 114 -9.37 -5.80 -13.52
C PRO A 114 -10.46 -6.28 -12.55
N GLY A 115 -11.19 -5.32 -11.99
CA GLY A 115 -12.30 -5.64 -11.10
C GLY A 115 -11.92 -5.67 -9.63
N ALA A 116 -10.63 -5.80 -9.36
CA ALA A 116 -10.16 -5.85 -7.97
C ALA A 116 -10.37 -4.51 -7.26
N LYS A 117 -10.68 -4.57 -5.97
CA LYS A 117 -11.03 -3.42 -5.17
C LYS A 117 -10.55 -3.57 -3.74
N LEU A 118 -10.59 -2.47 -3.00
CA LEU A 118 -10.39 -2.52 -1.57
C LEU A 118 -11.43 -1.63 -0.94
N CYS A 119 -12.43 -2.24 -0.31
CA CYS A 119 -13.51 -1.47 0.31
C CYS A 119 -12.99 -0.57 1.42
N LEU A 120 -13.70 0.52 1.65
CA LEU A 120 -13.33 1.53 2.64
C LEU A 120 -12.94 0.90 3.97
N HIS A 121 -11.77 1.27 4.46
CA HIS A 121 -11.26 0.72 5.72
C HIS A 121 -10.28 1.73 6.31
N GLN A 122 -9.90 1.49 7.56
CA GLN A 122 -8.84 2.26 8.20
C GLN A 122 -7.60 1.41 8.31
N ASP A 123 -6.42 2.05 8.25
CA ASP A 123 -5.19 1.37 8.64
C ASP A 123 -5.02 1.62 10.12
N LYS A 124 -5.32 0.61 10.94
CA LYS A 124 -5.28 0.81 12.39
C LYS A 124 -4.62 -0.34 13.16
N ASP A 125 -3.98 -1.28 12.47
CA ASP A 125 -3.34 -2.41 13.13
C ASP A 125 -1.93 -2.06 13.61
N GLU A 126 -1.53 -0.80 13.41
CA GLU A 126 -0.20 -0.36 13.80
C GLU A 126 -0.22 0.31 15.17
N PRO A 127 0.66 -0.13 16.09
CA PRO A 127 0.64 0.40 17.46
C PRO A 127 1.13 1.85 17.55
N ASP A 128 2.05 2.26 16.68
CA ASP A 128 2.54 3.63 16.71
C ASP A 128 1.92 4.49 15.62
N LEU A 129 0.84 5.20 15.96
CA LEU A 129 0.09 5.98 14.98
C LEU A 129 0.71 7.33 14.65
N ARG A 130 1.89 7.60 15.23
CA ARG A 130 2.59 8.84 14.94
C ARG A 130 3.20 8.76 13.54
N ALA A 131 3.39 7.54 13.06
CA ALA A 131 4.06 7.31 11.78
C ALA A 131 3.06 7.36 10.64
N PRO A 132 3.43 8.04 9.54
CA PRO A 132 2.55 8.15 8.38
C PRO A 132 2.43 6.85 7.59
N ILE A 133 1.48 6.84 6.67
CA ILE A 133 1.38 5.82 5.64
C ILE A 133 1.92 6.43 4.35
N VAL A 134 2.79 5.71 3.65
CA VAL A 134 3.29 6.13 2.34
C VAL A 134 2.86 5.11 1.29
N SER A 135 2.13 5.58 0.29
CA SER A 135 1.42 4.69 -0.64
C SER A 135 1.80 5.00 -2.08
N VAL A 136 2.45 4.06 -2.76
CA VAL A 136 2.97 4.26 -4.12
C VAL A 136 2.14 3.50 -5.17
N SER A 137 1.66 4.20 -6.19
CA SER A 137 0.88 3.59 -7.27
C SER A 137 1.75 3.27 -8.49
N LEU A 138 1.55 2.09 -9.07
CA LEU A 138 2.27 1.68 -10.30
C LEU A 138 1.32 1.01 -11.29
N GLY A 139 1.51 1.30 -12.58
CA GLY A 139 0.69 0.64 -13.59
C GLY A 139 -0.65 1.32 -13.88
N LEU A 140 -1.68 0.52 -14.06
CA LEU A 140 -3.00 1.02 -14.44
C LEU A 140 -3.56 1.97 -13.39
N PRO A 141 -4.36 2.96 -13.81
CA PRO A 141 -4.93 3.97 -12.92
C PRO A 141 -6.08 3.43 -12.08
N ALA A 142 -6.27 3.97 -10.89
CA ALA A 142 -7.36 3.56 -10.02
C ALA A 142 -7.97 4.76 -9.31
N ILE A 143 -9.24 4.65 -8.96
CA ILE A 143 -9.89 5.69 -8.17
C ILE A 143 -9.73 5.40 -6.67
N PHE A 144 -9.01 6.29 -6.00
CA PHE A 144 -8.74 6.20 -4.58
C PHE A 144 -9.77 7.04 -3.85
N GLN A 145 -10.41 6.42 -2.86
CA GLN A 145 -11.34 7.11 -1.98
C GLN A 145 -10.60 7.53 -0.72
N PHE A 146 -10.77 8.79 -0.34
CA PHE A 146 -10.19 9.29 0.90
C PHE A 146 -11.23 10.08 1.69
N GLY A 147 -11.56 9.57 2.87
CA GLY A 147 -12.68 10.09 3.65
C GLY A 147 -12.28 10.77 4.94
N GLY A 148 -12.92 10.37 6.04
CA GLY A 148 -12.67 11.00 7.33
C GLY A 148 -12.53 9.97 8.43
N LEU A 149 -12.66 10.41 9.67
CA LEU A 149 -12.56 9.50 10.81
C LEU A 149 -13.75 8.56 10.90
N LYS A 150 -14.88 8.97 10.33
CA LYS A 150 -16.07 8.14 10.33
C LYS A 150 -16.35 7.60 8.94
N ARG A 151 -16.89 6.40 8.88
CA ARG A 151 -17.13 5.73 7.60
C ARG A 151 -18.06 6.54 6.69
N ASN A 152 -19.02 7.25 7.29
CA ASN A 152 -19.98 8.01 6.50
C ASN A 152 -19.51 9.43 6.17
N ASP A 153 -18.31 9.79 6.62
CA ASP A 153 -17.76 11.10 6.27
C ASP A 153 -17.59 11.17 4.75
N PRO A 154 -17.88 12.35 4.17
CA PRO A 154 -17.81 12.54 2.72
C PRO A 154 -16.47 12.13 2.13
N LEU A 155 -16.52 11.48 0.98
CA LEU A 155 -15.33 10.96 0.32
C LEU A 155 -14.80 11.92 -0.74
N LYS A 156 -13.48 12.02 -0.82
CA LYS A 156 -12.83 12.57 -1.99
C LYS A 156 -12.48 11.39 -2.89
N ARG A 157 -12.68 11.54 -4.19
CA ARG A 157 -12.27 10.52 -5.14
C ARG A 157 -11.16 11.08 -6.01
N LEU A 158 -10.00 10.47 -5.93
CA LEU A 158 -8.84 10.93 -6.69
C LEU A 158 -8.31 9.81 -7.55
N LEU A 159 -8.16 10.09 -8.84
CA LEU A 159 -7.49 9.15 -9.72
C LEU A 159 -6.02 9.11 -9.34
N LEU A 160 -5.50 7.90 -9.15
CA LEU A 160 -4.08 7.68 -8.90
C LEU A 160 -3.51 7.02 -10.13
N GLU A 161 -2.50 7.66 -10.70
CA GLU A 161 -1.87 7.16 -11.91
C GLU A 161 -0.45 6.67 -11.63
N HIS A 162 0.14 6.00 -12.60
CA HIS A 162 1.47 5.44 -12.49
C HIS A 162 2.50 6.42 -11.92
N GLY A 163 3.08 6.08 -10.78
CA GLY A 163 4.12 6.90 -10.19
C GLY A 163 3.65 7.83 -9.09
N ASP A 164 2.33 7.98 -8.95
CA ASP A 164 1.76 8.83 -7.91
C ASP A 164 2.04 8.26 -6.51
N VAL A 165 2.36 9.14 -5.57
CA VAL A 165 2.57 8.74 -4.18
C VAL A 165 1.63 9.54 -3.29
N VAL A 166 0.95 8.84 -2.39
CA VAL A 166 0.05 9.47 -1.45
C VAL A 166 0.57 9.22 -0.05
N VAL A 167 0.60 10.27 0.77
CA VAL A 167 1.06 10.14 2.13
C VAL A 167 0.01 10.71 3.07
N TRP A 168 -0.34 9.96 4.10
CA TRP A 168 -1.21 10.50 5.14
C TRP A 168 -0.71 10.20 6.54
N GLY A 169 -1.07 11.05 7.49
CA GLY A 169 -0.59 10.92 8.85
C GLY A 169 -1.09 12.06 9.71
N GLY A 170 -0.65 12.09 10.96
CA GLY A 170 -1.14 13.08 11.91
C GLY A 170 -2.64 13.03 12.00
N GLU A 171 -3.29 14.16 11.76
CA GLU A 171 -4.75 14.26 11.88
C GLU A 171 -5.48 13.29 10.96
N SER A 172 -4.88 12.93 9.84
CA SER A 172 -5.57 12.10 8.87
C SER A 172 -5.11 10.64 8.92
N ARG A 173 -4.29 10.31 9.91
CA ARG A 173 -3.68 8.99 10.00
C ARG A 173 -4.69 7.84 9.97
N LEU A 174 -5.82 8.03 10.65
CA LEU A 174 -6.84 6.99 10.79
C LEU A 174 -8.02 7.17 9.83
N PHE A 175 -7.87 7.99 8.80
CA PHE A 175 -8.99 8.24 7.89
C PHE A 175 -9.36 7.00 7.08
N TYR A 176 -10.66 6.82 6.84
CA TYR A 176 -11.13 5.77 5.94
C TYR A 176 -10.68 6.06 4.52
N HIS A 177 -10.36 5.00 3.79
CA HIS A 177 -9.87 5.12 2.41
C HIS A 177 -10.09 3.78 1.72
N GLY A 178 -10.01 3.77 0.40
CA GLY A 178 -10.20 2.54 -0.35
C GLY A 178 -9.92 2.73 -1.83
N ILE A 179 -10.09 1.65 -2.59
CA ILE A 179 -9.86 1.65 -4.04
C ILE A 179 -11.08 1.08 -4.74
N GLN A 180 -11.61 1.80 -5.73
CA GLN A 180 -12.77 1.32 -6.48
C GLN A 180 -12.37 0.27 -7.52
N PRO A 181 -13.29 -0.64 -7.86
CA PRO A 181 -12.97 -1.73 -8.78
C PRO A 181 -12.13 -1.28 -10.00
N LEU A 182 -10.99 -1.93 -10.19
CA LEU A 182 -10.04 -1.52 -11.23
C LEU A 182 -10.60 -1.69 -12.64
N LYS A 183 -10.51 -0.63 -13.44
N LYS A 183 -10.52 -0.63 -13.43
CA LYS A 183 -10.91 -0.69 -14.83
CA LYS A 183 -10.91 -0.70 -14.83
C LYS A 183 -9.85 -1.44 -15.63
C LYS A 183 -9.84 -1.45 -15.63
N ALA A 184 -10.28 -2.25 -16.58
CA ALA A 184 -9.35 -2.97 -17.44
C ALA A 184 -8.60 -1.95 -18.31
N GLY A 185 -7.36 -2.29 -18.67
CA GLY A 185 -6.59 -1.42 -19.54
C GLY A 185 -5.21 -1.99 -19.83
N PHE A 186 -4.38 -1.18 -20.48
CA PHE A 186 -3.02 -1.57 -20.76
C PHE A 186 -2.04 -0.55 -20.19
N HIS A 187 -0.96 -1.05 -19.61
CA HIS A 187 0.16 -0.20 -19.23
C HIS A 187 1.47 -0.85 -19.69
N PRO A 188 2.38 -0.07 -20.29
CA PRO A 188 3.59 -0.64 -20.89
C PRO A 188 4.51 -1.37 -19.89
N LEU A 189 4.46 -0.98 -18.62
CA LEU A 189 5.33 -1.59 -17.61
C LEU A 189 4.71 -2.75 -16.84
N THR A 190 3.40 -2.69 -16.61
CA THR A 190 2.72 -3.73 -15.83
C THR A 190 1.78 -4.58 -16.67
N ILE A 191 1.65 -4.20 -17.94
CA ILE A 191 0.74 -4.86 -18.89
C ILE A 191 -0.74 -4.70 -18.54
N ASP A 192 -1.22 -5.44 -17.55
CA ASP A 192 -2.66 -5.51 -17.30
C ASP A 192 -3.08 -5.34 -15.84
N CYS A 193 -2.16 -4.86 -15.00
CA CYS A 193 -2.50 -4.70 -13.59
C CYS A 193 -2.04 -3.38 -13.02
N ARG A 194 -2.51 -3.09 -11.80
CA ARG A 194 -1.98 -2.04 -10.96
C ARG A 194 -1.26 -2.67 -9.77
N TYR A 195 -0.12 -2.11 -9.40
CA TYR A 195 0.52 -2.45 -8.14
C TYR A 195 0.46 -1.25 -7.22
N ASN A 196 0.37 -1.52 -5.93
CA ASN A 196 0.54 -0.48 -4.91
C ASN A 196 1.51 -0.97 -3.85
N LEU A 197 2.41 -0.08 -3.43
CA LEU A 197 3.30 -0.36 -2.32
C LEU A 197 2.89 0.51 -1.17
N THR A 198 2.57 -0.08 -0.03
CA THR A 198 2.26 0.71 1.15
C THR A 198 3.26 0.44 2.27
N PHE A 199 3.96 1.50 2.66
CA PHE A 199 5.01 1.45 3.65
C PHE A 199 4.45 1.94 4.98
N ARG A 200 4.77 1.21 6.04
CA ARG A 200 4.27 1.56 7.36
C ARG A 200 5.33 1.28 8.40
N GLN A 201 5.18 1.90 9.56
CA GLN A 201 5.89 1.43 10.74
C GLN A 201 4.87 0.59 11.50
N ALA A 202 5.02 -0.71 11.44
CA ALA A 202 4.00 -1.63 11.96
C ALA A 202 4.38 -2.19 13.33
N GLY A 203 5.65 -2.05 13.69
CA GLY A 203 6.11 -2.51 14.99
C GLY A 203 6.55 -1.31 15.82
N LYS A 204 7.46 -1.55 16.74
CA LYS A 204 8.00 -0.44 17.51
C LYS A 204 9.50 -0.53 17.50
#